data_2OVM
#
_entry.id   2OVM
#
_cell.length_a   87.514
_cell.length_b   87.514
_cell.length_c   90.412
_cell.angle_alpha   90.00
_cell.angle_beta   90.00
_cell.angle_gamma   120.00
#
_symmetry.space_group_name_H-M   'P 32 2 1'
#
loop_
_entity.id
_entity.type
_entity.pdbx_description
1 polymer 'Progesterone receptor'
2 polymer NCoR
3 non-polymer '4-[(11BETA,17BETA)-17-METHOXY-17-(METHOXYMETHYL)-3-OXOESTRA-4,9-DIEN-11-YL]BENZALDEHYDE OXIME'
4 water water
#
loop_
_entity_poly.entity_id
_entity_poly.type
_entity_poly.pdbx_seq_one_letter_code
_entity_poly.pdbx_strand_id
1 'polypeptide(L)'
;GQDIQLIPPLINLLMSIEPDVIYAGHDNTKPDTSSSLLTSLNQLGERQLLSVVKWSKSLPGFRNLHIDDQITLIQYSWMS
LMVFGLGWRSYKHVSGQMLYFAPDLILNEQRMKESSFYSLCLTMWQIPQEFVKLQVSQEEFLCMKVLLLLNTIPLEGLRS
QTQFEEMRSSYIRELIKAIGLRQKGVVSSSQRFYQLTKLLDNLHDLVKQLHLYCLNTFIQSRALSVEFPEMMSEVIAAQL
PKILAGMVKPLLFHKK
;
A
2 'polypeptide(L)' GHSFADPASNLGLEDIIRKALMGSF B
#
loop_
_chem_comp.id
_chem_comp.type
_chem_comp.name
_chem_comp.formula
AS0 non-polymer '4-[(11BETA,17BETA)-17-METHOXY-17-(METHOXYMETHYL)-3-OXOESTRA-4,9-DIEN-11-YL]BENZALDEHYDE OXIME' 'C28 H35 N O4'
#
# COMPACT_ATOMS: atom_id res chain seq x y z
N GLN A 5 18.26 20.31 9.03
CA GLN A 5 17.87 20.92 10.33
C GLN A 5 16.40 21.33 10.30
N LEU A 6 15.65 20.73 9.38
CA LEU A 6 14.23 21.00 9.25
C LEU A 6 13.55 19.64 9.20
N ILE A 7 13.92 18.84 8.21
CA ILE A 7 13.36 17.50 8.05
C ILE A 7 14.34 16.46 8.58
N PRO A 8 13.84 15.45 9.31
CA PRO A 8 14.69 14.40 9.88
C PRO A 8 15.40 13.64 8.76
N PRO A 9 16.64 13.21 9.00
CA PRO A 9 17.46 12.48 8.02
C PRO A 9 16.79 11.22 7.45
N LEU A 10 16.17 10.42 8.31
CA LEU A 10 15.49 9.20 7.90
C LEU A 10 14.26 9.46 7.03
N ILE A 11 13.54 10.53 7.30
CA ILE A 11 12.37 10.84 6.50
C ILE A 11 12.87 11.29 5.14
N ASN A 12 14.02 11.94 5.12
CA ASN A 12 14.55 12.39 3.84
C ASN A 12 15.11 11.24 3.03
N LEU A 13 15.62 10.20 3.70
CA LEU A 13 16.15 9.05 2.98
C LEU A 13 15.01 8.26 2.34
N LEU A 14 13.87 8.23 3.03
CA LEU A 14 12.68 7.52 2.55
C LEU A 14 12.17 8.16 1.26
N MET A 15 12.19 9.48 1.25
CA MET A 15 11.75 10.25 0.09
C MET A 15 12.69 10.01 -1.08
N SER A 16 13.99 9.90 -0.79
CA SER A 16 14.98 9.68 -1.84
C SER A 16 14.96 8.27 -2.42
N ILE A 17 14.50 7.29 -1.64
CA ILE A 17 14.46 5.91 -2.14
C ILE A 17 13.08 5.61 -2.69
N GLU A 18 12.26 6.65 -2.74
CA GLU A 18 10.91 6.55 -3.26
C GLU A 18 11.03 6.24 -4.75
N PRO A 19 10.46 5.14 -5.21
CA PRO A 19 10.56 4.79 -6.63
C PRO A 19 10.06 5.87 -7.59
N ASP A 20 10.60 5.86 -8.79
CA ASP A 20 10.25 6.81 -9.84
C ASP A 20 8.85 6.54 -10.35
N VAL A 21 8.33 7.46 -11.15
CA VAL A 21 7.00 7.32 -11.72
C VAL A 21 6.92 6.06 -12.56
N ILE A 22 5.83 5.32 -12.41
CA ILE A 22 5.64 4.08 -13.15
C ILE A 22 4.44 4.23 -14.07
N TYR A 23 4.65 3.96 -15.36
CA TYR A 23 3.59 4.07 -16.35
C TYR A 23 2.90 2.73 -16.53
N ALA A 24 1.64 2.78 -16.91
CA ALA A 24 0.86 1.58 -17.13
C ALA A 24 1.03 1.14 -18.58
N GLY A 25 1.40 2.09 -19.44
CA GLY A 25 1.57 1.78 -20.84
C GLY A 25 0.21 1.62 -21.50
N HIS A 26 -0.76 2.36 -21.00
CA HIS A 26 -2.13 2.31 -21.52
C HIS A 26 -2.31 3.36 -22.63
N ASP A 27 -3.05 2.99 -23.68
CA ASP A 27 -3.31 3.88 -24.81
C ASP A 27 -4.67 4.57 -24.66
N ASN A 28 -4.62 5.84 -24.26
CA ASN A 28 -5.82 6.64 -24.03
C ASN A 28 -6.45 7.27 -25.26
N THR A 29 -5.95 6.92 -26.44
CA THR A 29 -6.49 7.44 -27.69
C THR A 29 -7.54 6.48 -28.23
N LYS A 30 -7.72 5.36 -27.55
CA LYS A 30 -8.71 4.35 -27.95
C LYS A 30 -9.80 4.29 -26.90
N PRO A 31 -11.04 4.06 -27.34
CA PRO A 31 -12.16 3.96 -26.39
C PRO A 31 -11.87 2.85 -25.38
N ASP A 32 -12.17 3.10 -24.11
CA ASP A 32 -11.93 2.10 -23.08
C ASP A 32 -12.80 0.87 -23.29
N THR A 33 -12.33 -0.27 -22.78
CA THR A 33 -13.09 -1.52 -22.83
C THR A 33 -12.74 -2.17 -21.51
N SER A 34 -13.65 -2.98 -21.00
CA SER A 34 -13.44 -3.66 -19.73
C SER A 34 -12.09 -4.39 -19.68
N SER A 35 -11.75 -5.11 -20.75
CA SER A 35 -10.50 -5.85 -20.76
C SER A 35 -9.23 -4.99 -20.87
N SER A 36 -9.26 -3.94 -21.69
CA SER A 36 -8.07 -3.09 -21.85
C SER A 36 -7.71 -2.36 -20.57
N LEU A 37 -8.69 -2.11 -19.72
CA LEU A 37 -8.44 -1.45 -18.44
C LEU A 37 -7.88 -2.48 -17.46
N LEU A 38 -8.44 -3.69 -17.52
CA LEU A 38 -7.99 -4.76 -16.64
C LEU A 38 -6.60 -5.20 -17.08
N THR A 39 -6.36 -5.21 -18.39
CA THR A 39 -5.06 -5.60 -18.90
C THR A 39 -4.01 -4.60 -18.47
N SER A 40 -4.37 -3.33 -18.48
CA SER A 40 -3.44 -2.30 -18.08
C SER A 40 -3.18 -2.27 -16.58
N LEU A 41 -4.20 -2.52 -15.78
CA LEU A 41 -4.02 -2.51 -14.34
C LEU A 41 -3.08 -3.63 -13.91
N ASN A 42 -3.16 -4.77 -14.58
CA ASN A 42 -2.31 -5.91 -14.27
C ASN A 42 -0.87 -5.67 -14.69
N GLN A 43 -0.70 -4.98 -15.81
CA GLN A 43 0.64 -4.69 -16.30
C GLN A 43 1.30 -3.70 -15.33
N LEU A 44 0.55 -2.67 -14.98
CA LEU A 44 1.01 -1.63 -14.08
C LEU A 44 1.20 -2.24 -12.70
N GLY A 45 0.28 -3.14 -12.35
CA GLY A 45 0.35 -3.78 -11.05
C GLY A 45 1.64 -4.56 -10.87
N GLU A 46 2.03 -5.32 -11.88
CA GLU A 46 3.26 -6.11 -11.80
C GLU A 46 4.49 -5.22 -11.72
N ARG A 47 4.49 -4.14 -12.48
CA ARG A 47 5.63 -3.24 -12.46
C ARG A 47 5.78 -2.65 -11.06
N GLN A 48 4.70 -2.16 -10.49
CA GLN A 48 4.76 -1.57 -9.16
C GLN A 48 5.25 -2.53 -8.08
N LEU A 49 5.01 -3.82 -8.29
CA LEU A 49 5.44 -4.84 -7.33
C LEU A 49 6.97 -4.93 -7.35
N LEU A 50 7.54 -5.00 -8.55
CA LEU A 50 8.99 -5.04 -8.66
C LEU A 50 9.54 -3.78 -8.00
N SER A 51 8.78 -2.69 -8.13
CA SER A 51 9.15 -1.41 -7.57
C SER A 51 9.14 -1.43 -6.02
N VAL A 52 8.16 -2.15 -5.47
CA VAL A 52 8.04 -2.27 -4.02
C VAL A 52 9.17 -3.12 -3.47
N VAL A 53 9.42 -4.27 -4.10
CA VAL A 53 10.48 -5.17 -3.68
C VAL A 53 11.80 -4.40 -3.68
N LYS A 54 12.00 -3.61 -4.72
CA LYS A 54 13.23 -2.86 -4.82
C LYS A 54 13.34 -1.76 -3.78
N TRP A 55 12.26 -0.99 -3.63
CA TRP A 55 12.19 0.07 -2.64
C TRP A 55 12.57 -0.52 -1.27
N SER A 56 12.01 -1.68 -0.93
CA SER A 56 12.28 -2.31 0.37
C SER A 56 13.76 -2.62 0.60
N LYS A 57 14.49 -2.92 -0.47
CA LYS A 57 15.91 -3.23 -0.35
C LYS A 57 16.77 -2.04 0.09
N SER A 58 16.18 -0.84 0.14
CA SER A 58 16.91 0.35 0.57
C SER A 58 16.32 0.89 1.85
N LEU A 59 15.39 0.12 2.43
CA LEU A 59 14.71 0.53 3.65
C LEU A 59 15.58 0.15 4.86
N PRO A 60 16.06 1.16 5.63
CA PRO A 60 16.89 0.85 6.79
C PRO A 60 16.25 -0.21 7.67
N GLY A 61 16.96 -1.32 7.89
CA GLY A 61 16.44 -2.38 8.73
C GLY A 61 15.83 -3.57 8.01
N PHE A 62 15.28 -3.37 6.82
CA PHE A 62 14.63 -4.46 6.09
C PHE A 62 15.52 -5.64 5.70
N ARG A 63 16.63 -5.36 5.03
CA ARG A 63 17.52 -6.42 4.58
C ARG A 63 18.13 -7.24 5.69
N ASN A 64 18.21 -6.65 6.88
CA ASN A 64 18.77 -7.35 8.03
C ASN A 64 17.82 -8.44 8.56
N LEU A 65 16.56 -8.39 8.12
CA LEU A 65 15.58 -9.39 8.54
C LEU A 65 15.82 -10.66 7.74
N HIS A 66 15.47 -11.80 8.30
CA HIS A 66 15.65 -13.08 7.60
C HIS A 66 14.97 -12.98 6.22
N ILE A 67 15.61 -13.58 5.21
CA ILE A 67 15.08 -13.55 3.86
C ILE A 67 13.64 -14.05 3.80
N ASP A 68 13.30 -15.06 4.60
CA ASP A 68 11.93 -15.57 4.60
C ASP A 68 10.94 -14.53 5.12
N ASP A 69 11.39 -13.69 6.06
CA ASP A 69 10.53 -12.65 6.61
C ASP A 69 10.29 -11.55 5.58
N GLN A 70 11.33 -11.24 4.83
CA GLN A 70 11.24 -10.20 3.79
C GLN A 70 10.18 -10.62 2.79
N ILE A 71 10.26 -11.87 2.35
CA ILE A 71 9.27 -12.38 1.40
C ILE A 71 7.86 -12.33 1.99
N THR A 72 7.76 -12.83 3.23
CA THR A 72 6.45 -12.86 3.89
C THR A 72 5.83 -11.46 3.99
N LEU A 73 6.68 -10.50 4.39
CA LEU A 73 6.19 -9.15 4.62
C LEU A 73 5.70 -8.50 3.32
N ILE A 74 6.46 -8.75 2.24
CA ILE A 74 6.05 -8.25 0.93
C ILE A 74 4.74 -8.89 0.48
N GLN A 75 4.66 -10.21 0.69
CA GLN A 75 3.45 -10.95 0.30
C GLN A 75 2.22 -10.40 1.03
N TYR A 76 2.41 -10.15 2.34
CA TYR A 76 1.28 -9.80 3.18
C TYR A 76 0.77 -8.37 2.95
N SER A 77 1.59 -7.52 2.29
CA SER A 77 1.30 -6.09 2.37
C SER A 77 1.44 -5.33 1.03
N TRP A 78 1.69 -6.07 -0.06
CA TRP A 78 1.88 -5.38 -1.34
C TRP A 78 0.61 -4.66 -1.82
N MET A 79 -0.53 -5.28 -1.52
CA MET A 79 -1.82 -4.71 -1.88
C MET A 79 -2.07 -3.41 -1.14
N SER A 80 -1.79 -3.41 0.16
CA SER A 80 -1.99 -2.22 0.96
C SER A 80 -1.00 -1.14 0.55
N LEU A 81 0.24 -1.53 0.25
CA LEU A 81 1.26 -0.57 -0.17
C LEU A 81 0.80 0.12 -1.45
N MET A 82 0.36 -0.67 -2.41
CA MET A 82 -0.08 -0.13 -3.69
C MET A 82 -1.34 0.74 -3.57
N VAL A 83 -2.34 0.29 -2.84
CA VAL A 83 -3.54 1.09 -2.72
C VAL A 83 -3.22 2.38 -1.94
N PHE A 84 -2.20 2.33 -1.09
CA PHE A 84 -1.81 3.50 -0.31
C PHE A 84 -1.13 4.51 -1.22
N GLY A 85 -0.30 4.02 -2.14
CA GLY A 85 0.40 4.90 -3.06
C GLY A 85 -0.60 5.51 -4.03
N LEU A 86 -1.59 4.70 -4.40
CA LEU A 86 -2.62 5.16 -5.30
C LEU A 86 -3.27 6.37 -4.64
N GLY A 87 -3.64 6.22 -3.37
CA GLY A 87 -4.27 7.32 -2.65
C GLY A 87 -3.41 8.56 -2.61
N TRP A 88 -2.13 8.37 -2.32
CA TRP A 88 -1.22 9.49 -2.24
C TRP A 88 -1.13 10.25 -3.56
N ARG A 89 -0.99 9.54 -4.68
CA ARG A 89 -0.89 10.23 -5.97
C ARG A 89 -2.22 10.92 -6.31
N SER A 90 -3.33 10.26 -5.99
CA SER A 90 -4.65 10.84 -6.26
C SER A 90 -4.83 12.11 -5.44
N TYR A 91 -4.39 12.05 -4.19
CA TYR A 91 -4.50 13.19 -3.27
C TYR A 91 -3.66 14.40 -3.67
N LYS A 92 -2.42 14.19 -4.10
CA LYS A 92 -1.56 15.31 -4.45
C LYS A 92 -1.60 15.79 -5.90
N HIS A 93 -1.80 14.89 -6.86
CA HIS A 93 -1.85 15.30 -8.25
C HIS A 93 -3.21 15.79 -8.71
N VAL A 94 -4.27 15.25 -8.15
CA VAL A 94 -5.59 15.68 -8.57
C VAL A 94 -6.54 15.96 -7.40
N SER A 95 -5.99 16.39 -6.28
CA SER A 95 -6.78 16.71 -5.09
C SER A 95 -7.73 15.60 -4.64
N GLY A 96 -7.32 14.35 -4.82
CA GLY A 96 -8.17 13.25 -4.41
C GLY A 96 -9.51 13.22 -5.12
N GLN A 97 -9.61 13.90 -6.26
CA GLN A 97 -10.85 13.95 -7.02
C GLN A 97 -10.96 12.79 -8.01
N MET A 98 -9.83 12.17 -8.32
CA MET A 98 -9.81 11.05 -9.25
C MET A 98 -8.76 10.04 -8.80
N LEU A 99 -8.81 8.85 -9.38
CA LEU A 99 -7.86 7.80 -9.05
C LEU A 99 -6.67 7.91 -10.00
N TYR A 100 -5.54 8.29 -9.44
CA TYR A 100 -4.33 8.49 -10.23
C TYR A 100 -3.41 7.27 -10.20
N PHE A 101 -3.79 6.22 -10.91
CA PHE A 101 -2.99 5.00 -10.96
C PHE A 101 -1.59 5.28 -11.49
N ALA A 102 -1.53 5.95 -12.63
CA ALA A 102 -0.26 6.30 -13.28
C ALA A 102 -0.54 7.54 -14.13
N PRO A 103 0.50 8.27 -14.51
CA PRO A 103 0.31 9.47 -15.34
C PRO A 103 -0.52 9.18 -16.58
N ASP A 104 -0.45 7.94 -17.06
CA ASP A 104 -1.18 7.55 -18.26
C ASP A 104 -2.39 6.67 -17.94
N LEU A 105 -2.82 6.66 -16.68
CA LEU A 105 -3.99 5.87 -16.30
C LEU A 105 -4.72 6.51 -15.12
N ILE A 106 -5.45 7.58 -15.42
CA ILE A 106 -6.21 8.30 -14.43
C ILE A 106 -7.69 8.07 -14.68
N LEU A 107 -8.44 7.74 -13.64
CA LEU A 107 -9.87 7.49 -13.80
C LEU A 107 -10.70 8.46 -12.95
N ASN A 108 -11.45 9.34 -13.62
CA ASN A 108 -12.31 10.27 -12.91
C ASN A 108 -13.64 9.56 -12.67
N GLU A 109 -14.59 10.25 -12.05
CA GLU A 109 -15.91 9.67 -11.75
C GLU A 109 -16.59 8.98 -12.92
N GLN A 110 -16.70 9.68 -14.05
CA GLN A 110 -17.35 9.12 -15.22
C GLN A 110 -16.67 7.82 -15.69
N ARG A 111 -15.35 7.88 -15.82
CA ARG A 111 -14.57 6.74 -16.27
C ARG A 111 -14.64 5.56 -15.27
N MET A 112 -14.90 5.89 -14.01
CA MET A 112 -15.02 4.88 -12.97
C MET A 112 -16.33 4.15 -13.20
N LYS A 113 -17.43 4.90 -13.19
CA LYS A 113 -18.75 4.33 -13.39
C LYS A 113 -18.80 3.44 -14.60
N GLU A 114 -18.14 3.87 -15.67
CA GLU A 114 -18.16 3.05 -16.86
C GLU A 114 -16.98 2.11 -16.99
N SER A 115 -16.24 1.93 -15.91
CA SER A 115 -15.15 0.98 -15.94
C SER A 115 -15.89 -0.28 -15.44
N SER A 116 -15.38 -1.44 -15.79
CA SER A 116 -16.03 -2.68 -15.39
C SER A 116 -16.17 -2.90 -13.87
N PHE A 117 -15.37 -2.19 -13.07
CA PHE A 117 -15.36 -2.35 -11.62
C PHE A 117 -15.62 -1.05 -10.85
N TYR A 118 -16.78 -0.46 -11.05
CA TYR A 118 -17.09 0.80 -10.39
C TYR A 118 -17.12 0.74 -8.86
N SER A 119 -17.66 -0.35 -8.31
CA SER A 119 -17.75 -0.48 -6.86
C SER A 119 -16.36 -0.57 -6.21
N LEU A 120 -15.40 -1.12 -6.95
CA LEU A 120 -14.03 -1.24 -6.46
C LEU A 120 -13.35 0.12 -6.50
N CYS A 121 -13.75 0.98 -7.44
CA CYS A 121 -13.18 2.32 -7.53
C CYS A 121 -13.60 3.20 -6.36
N LEU A 122 -14.84 3.00 -5.89
CA LEU A 122 -15.30 3.80 -4.76
C LEU A 122 -14.55 3.36 -3.49
N THR A 123 -14.37 2.06 -3.32
CA THR A 123 -13.67 1.53 -2.16
C THR A 123 -12.26 2.11 -2.07
N MET A 124 -11.51 2.03 -3.18
CA MET A 124 -10.15 2.55 -3.20
C MET A 124 -10.15 4.07 -3.11
N TRP A 125 -11.22 4.70 -3.57
CA TRP A 125 -11.32 6.15 -3.55
C TRP A 125 -11.38 6.65 -2.11
N GLN A 126 -11.80 5.79 -1.21
CA GLN A 126 -11.89 6.15 0.20
C GLN A 126 -10.57 6.68 0.77
N ILE A 127 -9.46 6.04 0.42
CA ILE A 127 -8.17 6.47 0.94
C ILE A 127 -7.79 7.91 0.57
N PRO A 128 -7.91 8.27 -0.72
CA PRO A 128 -7.57 9.65 -1.13
C PRO A 128 -8.45 10.68 -0.43
N GLN A 129 -9.73 10.36 -0.26
CA GLN A 129 -10.67 11.27 0.37
C GLN A 129 -10.24 11.53 1.81
N GLU A 130 -9.80 10.49 2.49
CA GLU A 130 -9.32 10.63 3.85
C GLU A 130 -8.11 11.55 3.86
N PHE A 131 -7.17 11.30 2.94
CA PHE A 131 -5.98 12.14 2.87
C PHE A 131 -6.36 13.60 2.76
N VAL A 132 -7.35 13.88 1.90
CA VAL A 132 -7.81 15.24 1.72
C VAL A 132 -8.33 15.77 3.04
N LYS A 133 -9.25 15.03 3.66
CA LYS A 133 -9.79 15.46 4.94
C LYS A 133 -8.72 15.69 6.00
N LEU A 134 -7.79 14.75 6.14
CA LEU A 134 -6.72 14.89 7.14
C LEU A 134 -5.57 15.81 6.73
N GLN A 135 -5.48 16.14 5.44
CA GLN A 135 -4.38 16.97 4.94
C GLN A 135 -3.04 16.34 5.32
N VAL A 136 -2.87 15.08 4.91
CA VAL A 136 -1.66 14.33 5.20
C VAL A 136 -0.44 14.93 4.52
N SER A 137 0.65 15.03 5.28
CA SER A 137 1.90 15.58 4.77
C SER A 137 2.75 14.48 4.14
N GLN A 138 3.73 14.90 3.35
CA GLN A 138 4.62 13.98 2.68
C GLN A 138 5.45 13.19 3.70
N GLU A 139 5.93 13.88 4.75
CA GLU A 139 6.73 13.22 5.76
C GLU A 139 5.88 12.18 6.49
N GLU A 140 4.63 12.51 6.76
CA GLU A 140 3.73 11.59 7.43
C GLU A 140 3.42 10.38 6.56
N PHE A 141 3.21 10.65 5.27
CA PHE A 141 2.91 9.60 4.31
C PHE A 141 4.02 8.56 4.22
N LEU A 142 5.24 9.05 4.03
CA LEU A 142 6.40 8.17 3.92
C LEU A 142 6.53 7.25 5.12
N CYS A 143 6.39 7.81 6.33
CA CYS A 143 6.50 6.98 7.53
C CYS A 143 5.33 6.00 7.61
N MET A 144 4.14 6.45 7.23
CA MET A 144 2.97 5.59 7.26
C MET A 144 3.15 4.41 6.32
N LYS A 145 3.69 4.67 5.12
CA LYS A 145 3.88 3.60 4.16
C LYS A 145 4.84 2.51 4.65
N VAL A 146 5.88 2.89 5.38
CA VAL A 146 6.79 1.87 5.92
C VAL A 146 6.00 1.00 6.90
N LEU A 147 5.18 1.63 7.74
CA LEU A 147 4.39 0.90 8.71
C LEU A 147 3.45 -0.09 8.03
N LEU A 148 2.96 0.25 6.84
CA LEU A 148 2.06 -0.68 6.15
C LEU A 148 2.82 -1.97 5.83
N LEU A 149 4.08 -1.83 5.41
CA LEU A 149 4.89 -3.01 5.12
C LEU A 149 5.11 -3.83 6.39
N LEU A 150 5.07 -3.19 7.55
CA LEU A 150 5.29 -3.87 8.83
C LEU A 150 4.02 -4.00 9.67
N ASN A 151 2.87 -4.11 9.01
CA ASN A 151 1.58 -4.16 9.70
C ASN A 151 0.93 -5.53 9.85
N THR A 152 1.50 -6.53 9.19
CA THR A 152 0.96 -7.89 9.26
C THR A 152 2.05 -8.95 9.26
N ILE A 153 1.97 -9.85 10.23
CA ILE A 153 2.92 -10.94 10.38
C ILE A 153 2.16 -12.25 10.54
N PRO A 154 2.87 -13.39 10.43
CA PRO A 154 2.23 -14.70 10.58
C PRO A 154 1.71 -14.90 12.00
N LEU A 155 0.71 -15.75 12.17
CA LEU A 155 0.20 -16.00 13.52
C LEU A 155 1.33 -16.48 14.41
N GLU A 156 2.27 -17.24 13.85
CA GLU A 156 3.39 -17.73 14.64
C GLU A 156 4.52 -16.71 14.74
N GLY A 157 4.37 -15.57 14.08
CA GLY A 157 5.41 -14.55 14.12
C GLY A 157 6.45 -14.69 13.03
N LEU A 158 7.58 -14.01 13.19
CA LEU A 158 8.65 -14.07 12.20
C LEU A 158 9.88 -14.68 12.83
N ARG A 159 10.82 -15.11 11.98
CA ARG A 159 12.05 -15.69 12.47
C ARG A 159 12.85 -14.57 13.16
N SER A 160 12.83 -13.38 12.57
CA SER A 160 13.55 -12.25 13.13
C SER A 160 12.57 -11.35 13.88
N GLN A 161 11.72 -11.99 14.69
CA GLN A 161 10.69 -11.26 15.44
C GLN A 161 11.19 -10.05 16.21
N THR A 162 12.23 -10.22 17.01
CA THR A 162 12.75 -9.10 17.79
C THR A 162 13.30 -7.99 16.90
N GLN A 163 14.09 -8.38 15.91
CA GLN A 163 14.66 -7.38 15.01
C GLN A 163 13.54 -6.63 14.30
N PHE A 164 12.47 -7.35 13.97
CA PHE A 164 11.32 -6.77 13.30
C PHE A 164 10.57 -5.78 14.17
N GLU A 165 10.38 -6.12 15.44
CA GLU A 165 9.69 -5.22 16.35
C GLU A 165 10.47 -3.94 16.58
N GLU A 166 11.80 -4.03 16.52
CA GLU A 166 12.63 -2.86 16.73
C GLU A 166 12.62 -1.95 15.51
N MET A 167 12.43 -2.52 14.34
CA MET A 167 12.39 -1.72 13.11
C MET A 167 11.07 -0.94 13.08
N ARG A 168 9.98 -1.64 13.36
CA ARG A 168 8.65 -1.06 13.39
C ARG A 168 8.58 0.05 14.45
N SER A 169 9.22 -0.16 15.60
CA SER A 169 9.23 0.83 16.67
C SER A 169 9.92 2.12 16.24
N SER A 170 10.97 2.00 15.42
CA SER A 170 11.70 3.16 14.95
C SER A 170 10.84 4.02 14.02
N TYR A 171 10.17 3.36 13.07
CA TYR A 171 9.34 4.09 12.13
C TYR A 171 8.13 4.68 12.81
N ILE A 172 7.75 4.11 13.95
CA ILE A 172 6.63 4.66 14.71
C ILE A 172 7.15 5.96 15.32
N ARG A 173 8.37 5.93 15.85
CA ARG A 173 8.96 7.13 16.43
C ARG A 173 9.16 8.16 15.32
N GLU A 174 9.50 7.68 14.13
CA GLU A 174 9.73 8.59 13.01
C GLU A 174 8.44 9.28 12.58
N LEU A 175 7.32 8.55 12.65
CA LEU A 175 6.01 9.11 12.30
C LEU A 175 5.70 10.27 13.24
N ILE A 176 6.04 10.10 14.52
CA ILE A 176 5.83 11.14 15.52
C ILE A 176 6.67 12.40 15.20
N LYS A 177 7.88 12.21 14.68
CA LYS A 177 8.73 13.35 14.31
C LYS A 177 8.04 14.07 13.17
N ALA A 178 7.60 13.28 12.18
CA ALA A 178 6.91 13.83 11.01
C ALA A 178 5.71 14.67 11.44
N ILE A 179 4.94 14.15 12.40
CA ILE A 179 3.78 14.86 12.91
C ILE A 179 4.27 16.11 13.64
N GLY A 180 5.35 15.98 14.40
CA GLY A 180 5.90 17.12 15.12
C GLY A 180 6.31 18.28 14.24
N LEU A 181 6.51 18.04 12.94
CA LEU A 181 6.94 19.12 12.04
C LEU A 181 5.89 20.22 11.91
N ARG A 182 4.63 19.85 12.09
CA ARG A 182 3.55 20.81 11.97
C ARG A 182 2.69 20.89 13.23
N GLN A 183 2.43 19.74 13.83
CA GLN A 183 1.62 19.63 15.04
C GLN A 183 2.54 19.78 16.27
N LYS A 184 2.78 21.02 16.68
CA LYS A 184 3.65 21.31 17.81
C LYS A 184 3.14 20.90 19.20
N GLY A 185 1.86 21.12 19.46
CA GLY A 185 1.29 20.79 20.76
C GLY A 185 1.32 19.32 21.13
N VAL A 186 1.45 19.05 22.43
CA VAL A 186 1.47 17.69 22.96
C VAL A 186 0.16 16.97 22.71
N VAL A 187 -0.95 17.66 22.97
CA VAL A 187 -2.28 17.07 22.77
C VAL A 187 -2.60 16.97 21.29
N SER A 188 -2.30 18.02 20.52
CA SER A 188 -2.56 18.00 19.09
C SER A 188 -1.79 16.89 18.35
N SER A 189 -0.47 16.89 18.49
CA SER A 189 0.36 15.89 17.82
C SER A 189 -0.02 14.49 18.30
N SER A 190 -0.55 14.44 19.52
CA SER A 190 -0.97 13.19 20.10
C SER A 190 -2.25 12.76 19.41
N GLN A 191 -3.10 13.75 19.12
CA GLN A 191 -4.37 13.50 18.46
C GLN A 191 -4.19 13.12 17.00
N ARG A 192 -3.19 13.73 16.34
CA ARG A 192 -2.98 13.40 14.94
C ARG A 192 -2.41 11.99 14.83
N PHE A 193 -1.52 11.62 15.76
CA PHE A 193 -0.94 10.29 15.74
C PHE A 193 -2.07 9.27 15.77
N TYR A 194 -3.06 9.54 16.61
CA TYR A 194 -4.22 8.65 16.72
C TYR A 194 -4.97 8.58 15.38
N GLN A 195 -5.21 9.74 14.79
CA GLN A 195 -5.93 9.81 13.51
C GLN A 195 -5.22 9.05 12.39
N LEU A 196 -3.91 9.20 12.30
CA LEU A 196 -3.14 8.54 11.26
C LEU A 196 -3.01 7.02 11.49
N THR A 197 -2.81 6.60 12.73
CA THR A 197 -2.69 5.18 13.03
C THR A 197 -4.06 4.49 12.97
N LYS A 198 -5.10 5.22 13.34
CA LYS A 198 -6.45 4.66 13.28
C LYS A 198 -6.71 4.34 11.81
N LEU A 199 -6.32 5.27 10.94
CA LEU A 199 -6.49 5.09 9.51
C LEU A 199 -5.79 3.81 9.06
N LEU A 200 -4.52 3.65 9.42
CA LEU A 200 -3.77 2.44 9.06
C LEU A 200 -4.48 1.19 9.57
N ASP A 201 -4.99 1.24 10.79
CA ASP A 201 -5.70 0.09 11.34
C ASP A 201 -6.91 -0.23 10.45
N ASN A 202 -7.53 0.80 9.88
CA ASN A 202 -8.70 0.61 9.04
C ASN A 202 -8.38 -0.04 7.69
N LEU A 203 -7.13 0.05 7.23
CA LEU A 203 -6.77 -0.55 5.96
C LEU A 203 -6.83 -2.08 5.97
N HIS A 204 -6.77 -2.69 7.15
CA HIS A 204 -6.83 -4.15 7.20
C HIS A 204 -8.14 -4.65 6.60
N ASP A 205 -9.23 -3.95 6.89
CA ASP A 205 -10.54 -4.32 6.36
C ASP A 205 -10.67 -4.04 4.88
N LEU A 206 -10.31 -2.81 4.48
CA LEU A 206 -10.41 -2.42 3.08
C LEU A 206 -9.56 -3.32 2.19
N VAL A 207 -8.38 -3.70 2.67
CA VAL A 207 -7.46 -4.55 1.90
C VAL A 207 -8.04 -5.92 1.51
N LYS A 208 -8.75 -6.58 2.42
CA LYS A 208 -9.30 -7.88 2.05
C LYS A 208 -10.39 -7.67 1.01
N GLN A 209 -11.09 -6.54 1.08
CA GLN A 209 -12.10 -6.24 0.07
C GLN A 209 -11.42 -6.29 -1.31
N LEU A 210 -10.22 -5.72 -1.39
CA LEU A 210 -9.48 -5.69 -2.65
C LEU A 210 -9.00 -7.06 -3.09
N HIS A 211 -8.51 -7.88 -2.15
CA HIS A 211 -8.06 -9.22 -2.53
C HIS A 211 -9.25 -10.03 -3.03
N LEU A 212 -10.39 -9.88 -2.37
CA LEU A 212 -11.61 -10.59 -2.77
C LEU A 212 -11.98 -10.20 -4.19
N TYR A 213 -11.92 -8.90 -4.47
CA TYR A 213 -12.27 -8.42 -5.78
C TYR A 213 -11.31 -8.91 -6.83
N CYS A 214 -10.07 -9.10 -6.42
CA CYS A 214 -9.01 -9.59 -7.29
C CYS A 214 -9.31 -11.03 -7.68
N LEU A 215 -9.64 -11.85 -6.69
CA LEU A 215 -9.96 -13.25 -6.91
C LEU A 215 -11.18 -13.42 -7.81
N ASN A 216 -12.27 -12.72 -7.49
CA ASN A 216 -13.48 -12.83 -8.30
C ASN A 216 -13.21 -12.42 -9.74
N THR A 217 -12.46 -11.34 -9.92
CA THR A 217 -12.11 -10.87 -11.24
C THR A 217 -11.41 -12.01 -11.99
N PHE A 218 -10.66 -12.82 -11.24
CA PHE A 218 -9.96 -13.94 -11.83
C PHE A 218 -10.88 -15.09 -12.19
N ILE A 219 -11.83 -15.37 -11.30
CA ILE A 219 -12.78 -16.44 -11.53
C ILE A 219 -13.53 -16.20 -12.84
N GLN A 220 -13.97 -14.95 -13.04
CA GLN A 220 -14.71 -14.58 -14.23
C GLN A 220 -13.89 -14.60 -15.51
N SER A 221 -12.58 -14.43 -15.39
CA SER A 221 -11.71 -14.43 -16.56
C SER A 221 -11.78 -15.76 -17.30
N ARG A 222 -11.90 -16.85 -16.53
CA ARG A 222 -11.99 -18.19 -17.11
C ARG A 222 -13.30 -18.89 -16.78
N ALA A 223 -14.20 -18.95 -17.76
CA ALA A 223 -15.48 -19.61 -17.56
C ALA A 223 -16.08 -20.12 -18.88
N MET A 232 -8.68 -24.54 -9.81
CA MET A 232 -9.66 -23.52 -9.47
C MET A 232 -9.97 -23.55 -7.98
N SER A 233 -9.96 -24.75 -7.39
CA SER A 233 -10.22 -24.90 -5.97
C SER A 233 -8.92 -24.65 -5.23
N GLU A 234 -7.81 -24.91 -5.91
CA GLU A 234 -6.49 -24.72 -5.33
C GLU A 234 -6.10 -23.24 -5.34
N VAL A 235 -6.55 -22.53 -6.39
CA VAL A 235 -6.27 -21.10 -6.51
C VAL A 235 -7.06 -20.34 -5.46
N ILE A 236 -8.23 -20.85 -5.12
CA ILE A 236 -9.09 -20.23 -4.12
C ILE A 236 -8.65 -20.54 -2.70
N ALA A 237 -7.83 -21.58 -2.56
CA ALA A 237 -7.32 -21.99 -1.26
C ALA A 237 -6.17 -21.12 -0.80
N ALA A 238 -5.48 -20.50 -1.76
CA ALA A 238 -4.34 -19.64 -1.45
C ALA A 238 -4.69 -18.17 -1.41
N GLN A 239 -5.92 -17.84 -1.80
CA GLN A 239 -6.38 -16.46 -1.81
C GLN A 239 -7.20 -16.12 -0.58
N LEU A 240 -7.90 -17.12 -0.04
CA LEU A 240 -8.72 -16.91 1.14
C LEU A 240 -7.94 -16.36 2.33
N PRO A 241 -6.67 -16.74 2.48
CA PRO A 241 -5.87 -16.25 3.61
C PRO A 241 -5.52 -14.77 3.44
N LYS A 242 -5.97 -14.17 2.34
CA LYS A 242 -5.73 -12.75 2.10
C LYS A 242 -7.02 -11.97 2.14
N ILE A 243 -8.15 -12.67 2.06
CA ILE A 243 -9.44 -12.00 2.12
C ILE A 243 -10.21 -12.40 3.38
N LEU A 244 -9.70 -13.38 4.10
CA LEU A 244 -10.36 -13.89 5.30
C LEU A 244 -9.66 -13.59 6.63
N ALA A 245 -10.45 -13.51 7.70
CA ALA A 245 -9.91 -13.24 9.03
C ALA A 245 -9.48 -14.53 9.74
N GLY A 246 -8.49 -14.43 10.63
CA GLY A 246 -8.05 -15.59 11.37
C GLY A 246 -6.93 -16.42 10.78
N MET A 247 -6.26 -15.92 9.75
CA MET A 247 -5.18 -16.68 9.16
C MET A 247 -3.81 -16.03 9.35
N VAL A 248 -3.80 -14.69 9.34
CA VAL A 248 -2.58 -13.94 9.57
C VAL A 248 -2.86 -13.11 10.81
N LYS A 249 -1.90 -12.32 11.22
CA LYS A 249 -2.06 -11.49 12.41
C LYS A 249 -1.81 -10.01 12.12
N PRO A 250 -2.87 -9.20 12.12
CA PRO A 250 -2.73 -7.77 11.87
C PRO A 250 -2.23 -7.10 13.13
N LEU A 251 -1.30 -6.16 13.01
CA LEU A 251 -0.79 -5.45 14.17
C LEU A 251 -1.52 -4.11 14.29
N LEU A 252 -2.55 -4.06 15.12
CA LEU A 252 -3.35 -2.84 15.30
C LEU A 252 -2.73 -1.90 16.32
N PHE A 253 -2.80 -0.59 16.05
CA PHE A 253 -2.28 0.40 16.97
C PHE A 253 -3.31 0.68 18.08
N HIS A 254 -4.58 0.39 17.79
CA HIS A 254 -5.63 0.63 18.76
C HIS A 254 -6.51 -0.60 18.94
N LYS A 255 -6.90 -0.87 20.18
CA LYS A 255 -7.74 -2.03 20.45
C LYS A 255 -9.12 -1.66 19.95
N LEU B 13 2.54 -14.84 -6.37
CA LEU B 13 3.57 -13.80 -6.58
C LEU B 13 4.81 -14.13 -5.75
N GLU B 14 4.68 -15.04 -4.80
CA GLU B 14 5.79 -15.41 -3.95
C GLU B 14 7.08 -15.71 -4.70
N ASP B 15 6.94 -16.18 -5.95
CA ASP B 15 8.11 -16.48 -6.76
C ASP B 15 8.66 -15.23 -7.41
N ILE B 16 7.79 -14.26 -7.65
CA ILE B 16 8.18 -13.00 -8.26
C ILE B 16 8.83 -12.10 -7.22
N ILE B 17 8.25 -12.06 -6.03
CA ILE B 17 8.77 -11.23 -4.94
C ILE B 17 10.00 -11.90 -4.34
N ARG B 18 10.38 -13.03 -4.92
CA ARG B 18 11.52 -13.79 -4.43
C ARG B 18 12.72 -13.68 -5.35
N LYS B 19 12.45 -13.65 -6.66
CA LYS B 19 13.51 -13.53 -7.65
C LYS B 19 13.93 -12.06 -7.70
N ALA B 20 13.04 -11.18 -7.21
CA ALA B 20 13.30 -9.75 -7.22
C ALA B 20 14.20 -9.34 -6.06
N LEU B 21 13.96 -9.93 -4.89
CA LEU B 21 14.75 -9.61 -3.70
C LEU B 21 16.21 -10.02 -3.84
N MET B 22 16.44 -11.16 -4.48
CA MET B 22 17.79 -11.69 -4.64
C MET B 22 18.52 -11.24 -5.90
N GLY B 23 18.17 -10.06 -6.40
CA GLY B 23 18.80 -9.54 -7.59
C GLY B 23 19.69 -8.34 -7.30
C1 AS0 C . -9.74 -4.37 -11.20
C3 AS0 C . -8.39 -5.96 -10.12
C4 AS0 C . -7.50 -6.30 -8.90
C5 AS0 C . -8.23 -6.04 -7.57
C6 AS0 C . -7.62 -4.74 -6.94
O2 AS0 C . -8.96 -4.66 -10.08
C7 AS0 C . -6.50 -4.21 -7.89
C8 AS0 C . -5.14 -3.50 -7.44
C9 AS0 C . -5.61 -2.26 -6.64
C10 AS0 C . -4.37 -1.44 -6.16
C11 AS0 C . -3.49 -0.96 -7.31
C12 AS0 C . -2.79 0.19 -7.18
C13 AS0 C . -1.90 0.72 -8.28
O14 AS0 C . -1.05 1.58 -8.07
C15 AS0 C . -2.14 0.14 -9.67
C16 AS0 C . -2.55 -1.37 -9.68
C17 AS0 C . -3.46 -1.85 -8.53
C18 AS0 C . -4.22 -3.07 -8.62
C19 AS0 C . -4.13 -4.09 -9.80
C20 AS0 C . -5.43 -4.94 -10.06
C21 AS0 C . -6.18 -5.44 -8.76
C22 AS0 C . -5.20 -6.41 -8.03
C23 AS0 C . -2.90 -5.05 -9.66
C24 AS0 C . -2.02 -4.94 -8.53
C25 AS0 C . -0.88 -5.77 -8.39
C26 AS0 C . -0.60 -6.72 -9.41
C27 AS0 C . 0.62 -7.53 -9.25
N28 AS0 C . 1.00 -8.40 -10.16
O29 AS0 C . 2.15 -9.15 -9.99
C30 AS0 C . -1.44 -6.83 -10.54
C31 AS0 C . -2.59 -6.01 -10.68
O32 AS0 C . -7.07 -7.73 -9.05
C33 AS0 C . -7.51 -8.49 -10.19
#